data_4B5N
#
_entry.id   4B5N
#
_cell.length_a   52.230
_cell.length_b   54.810
_cell.length_c   103.550
_cell.angle_alpha   90.00
_cell.angle_beta   90.00
_cell.angle_gamma   90.00
#
_symmetry.space_group_name_H-M   'P 21 21 21'
#
loop_
_entity.id
_entity.type
_entity.pdbx_description
1 polymer 'OXIDOREDUCTASE, FMN-BINDING'
2 non-polymer 'FLAVIN MONONUCLEOTIDE'
3 non-polymer Octadecane
4 water water
#
_entity_poly.entity_id   1
_entity_poly.type   'polypeptide(L)'
_entity_poly.pdbx_seq_one_letter_code
;MTIENTVNSVENLFDTYKLNDTITLKNRILMAPLTRCMADANLVPTDDMVAYYARRAEAGLIISEATIIRPDAQGYPNTP
GIFTQAQIAGWRKVTDAVHANGGKIFVQLWHTGRVAHPHFFGGGDVLAPSAQKIEGSVPRMRELTYVTPKAVTVEDIQGL
VRDYAKAAENVIEAGFDGVEIHGANGYLIDQFLHHDSNRRTDEYGGTPVNMSRFALEVVDAIIARIGHDRTGLRISPGAY
FNMASDSRDRVVFDYLLPELEKRDLAFVHIGIFDDSIEFDYLGGTASSYVRAHYGKTLVGVGSYSAETASKAIAEDKFDL
IAIGRPFIANPDYVAKVRNSEELVAYSDEMLASLI
;
_entity_poly.pdbx_strand_id   A
#
# COMPACT_ATOMS: atom_id res chain seq x y z
N THR A 2 4.59 -8.34 26.26
CA THR A 2 3.47 -8.58 25.36
C THR A 2 2.77 -7.29 24.98
N ILE A 3 2.23 -7.26 23.77
CA ILE A 3 1.55 -6.08 23.24
C ILE A 3 0.29 -5.77 24.05
N GLU A 4 -0.42 -6.82 24.48
CA GLU A 4 -1.67 -6.63 25.23
C GLU A 4 -1.46 -5.97 26.61
N ASN A 5 -0.24 -6.05 27.15
CA ASN A 5 0.05 -5.41 28.43
C ASN A 5 0.42 -3.94 28.26
N THR A 6 -0.57 -3.16 27.86
CA THR A 6 -0.37 -1.76 27.53
C THR A 6 -0.04 -0.95 28.77
N VAL A 7 0.61 0.19 28.54
CA VAL A 7 1.06 1.06 29.62
C VAL A 7 0.44 2.45 29.45
N ASN A 8 0.62 3.34 30.43
CA ASN A 8 -0.09 4.62 30.42
C ASN A 8 0.65 5.77 29.71
N SER A 9 1.49 5.43 28.73
CA SER A 9 2.17 6.44 27.95
C SER A 9 2.50 5.87 26.60
N VAL A 10 2.32 6.69 25.57
CA VAL A 10 2.64 6.29 24.23
C VAL A 10 3.60 7.33 23.65
N GLU A 11 4.46 7.85 24.54
CA GLU A 11 5.43 8.88 24.15
CA GLU A 11 5.41 8.89 24.15
C GLU A 11 6.30 8.49 22.97
N ASN A 12 6.63 7.22 22.87
CA ASN A 12 7.51 6.80 21.78
C ASN A 12 6.91 6.99 20.40
N LEU A 13 5.60 7.10 20.30
CA LEU A 13 4.97 7.37 19.03
C LEU A 13 5.32 8.76 18.50
N PHE A 14 5.78 9.63 19.40
CA PHE A 14 6.11 11.00 19.05
C PHE A 14 7.59 11.23 18.88
N ASP A 15 8.38 10.15 18.92
CA ASP A 15 9.80 10.22 18.58
C ASP A 15 9.98 10.62 17.12
N THR A 16 10.96 11.47 16.88
CA THR A 16 11.44 11.70 15.54
CA THR A 16 11.41 11.72 15.52
C THR A 16 12.00 10.40 14.97
N TYR A 17 11.78 10.14 13.68
CA TYR A 17 12.31 8.92 13.09
C TYR A 17 12.98 9.23 11.77
N LYS A 18 14.30 9.05 11.75
CA LYS A 18 15.04 9.27 10.51
CA LYS A 18 15.08 9.24 10.53
C LYS A 18 14.91 8.04 9.61
N LEU A 19 14.19 8.19 8.50
CA LEU A 19 14.11 7.10 7.53
C LEU A 19 15.44 6.87 6.86
N ASN A 20 16.12 7.96 6.53
CA ASN A 20 17.32 7.90 5.74
C ASN A 20 17.86 9.33 5.63
N ASP A 21 18.91 9.50 4.84
CA ASP A 21 19.57 10.79 4.78
C ASP A 21 18.71 11.85 4.12
N THR A 22 17.64 11.43 3.44
CA THR A 22 16.78 12.35 2.70
C THR A 22 15.56 12.77 3.51
N ILE A 23 15.02 11.86 4.32
CA ILE A 23 13.74 12.10 4.98
C ILE A 23 13.79 11.74 6.46
N THR A 24 13.38 12.69 7.29
CA THR A 24 13.13 12.45 8.70
C THR A 24 11.67 12.75 8.98
N LEU A 25 11.01 11.82 9.68
CA LEU A 25 9.61 11.98 10.07
C LEU A 25 9.51 12.59 11.45
N LYS A 26 8.52 13.46 11.63
CA LYS A 26 8.37 14.17 12.90
CA LYS A 26 8.32 14.18 12.89
CA LYS A 26 8.39 14.16 12.90
C LYS A 26 7.78 13.30 14.01
N ASN A 27 7.18 12.16 13.66
CA ASN A 27 6.67 11.19 14.62
C ASN A 27 6.59 9.85 13.90
N ARG A 28 6.20 8.81 14.64
CA ARG A 28 6.17 7.45 14.10
C ARG A 28 4.82 7.04 13.54
N ILE A 29 3.87 7.97 13.49
CA ILE A 29 2.51 7.66 13.09
C ILE A 29 2.33 7.95 11.61
N LEU A 30 1.97 6.91 10.87
CA LEU A 30 1.62 7.00 9.46
C LEU A 30 0.12 6.93 9.27
N MET A 31 -0.38 7.71 8.31
CA MET A 31 -1.73 7.46 7.80
C MET A 31 -1.63 6.33 6.77
N ALA A 32 -2.25 5.19 7.08
CA ALA A 32 -2.28 4.06 6.17
C ALA A 32 -2.95 4.44 4.87
N PRO A 33 -2.57 3.78 3.76
CA PRO A 33 -3.26 4.01 2.50
C PRO A 33 -4.71 3.53 2.60
N LEU A 34 -5.62 4.38 2.17
CA LEU A 34 -7.06 4.09 2.30
C LEU A 34 -7.80 4.56 1.03
N THR A 35 -8.17 3.61 0.18
CA THR A 35 -9.00 3.88 -0.98
C THR A 35 -10.34 4.46 -0.56
N ARG A 36 -10.70 5.60 -1.13
CA ARG A 36 -11.95 6.28 -0.79
C ARG A 36 -12.93 6.39 -1.98
N CYS A 37 -12.47 6.18 -3.21
CA CYS A 37 -13.36 6.23 -4.37
C CYS A 37 -14.05 7.57 -4.54
N MET A 38 -13.28 8.63 -4.38
CA MET A 38 -13.79 9.99 -4.42
CA MET A 38 -13.88 9.96 -4.52
C MET A 38 -13.15 10.87 -5.50
N ALA A 39 -12.28 10.32 -6.35
CA ALA A 39 -11.68 11.15 -7.39
C ALA A 39 -12.69 11.43 -8.50
N ASP A 40 -12.38 12.42 -9.35
CA ASP A 40 -13.35 12.83 -10.35
C ASP A 40 -13.39 11.90 -11.56
N ALA A 41 -14.20 12.25 -12.54
CA ALA A 41 -14.43 11.37 -13.69
C ALA A 41 -13.17 11.15 -14.51
N ASN A 42 -12.21 12.04 -14.39
CA ASN A 42 -10.93 11.92 -15.06
C ASN A 42 -9.86 11.29 -14.16
N LEU A 43 -10.31 10.79 -13.01
CA LEU A 43 -9.46 10.20 -11.98
C LEU A 43 -8.44 11.19 -11.42
N VAL A 44 -8.84 12.46 -11.41
CA VAL A 44 -8.03 13.53 -10.86
C VAL A 44 -8.44 13.77 -9.41
N PRO A 45 -7.48 13.89 -8.49
CA PRO A 45 -7.82 14.28 -7.11
C PRO A 45 -8.61 15.57 -7.09
N THR A 46 -9.64 15.60 -6.25
CA THR A 46 -10.52 16.75 -6.14
C THR A 46 -10.05 17.68 -5.04
N ASP A 47 -10.60 18.88 -5.01
CA ASP A 47 -10.34 19.81 -3.93
C ASP A 47 -10.83 19.30 -2.57
N ASP A 48 -11.85 18.46 -2.57
CA ASP A 48 -12.26 17.81 -1.32
C ASP A 48 -11.18 16.84 -0.85
N MET A 49 -10.56 16.11 -1.76
CA MET A 49 -9.43 15.24 -1.39
C MET A 49 -8.25 16.04 -0.87
N VAL A 50 -7.97 17.20 -1.47
CA VAL A 50 -6.92 18.07 -0.96
C VAL A 50 -7.17 18.37 0.52
N ALA A 51 -8.38 18.80 0.84
CA ALA A 51 -8.70 19.17 2.22
C ALA A 51 -8.61 17.98 3.18
N TYR A 52 -9.05 16.82 2.69
CA TYR A 52 -9.03 15.57 3.45
C TYR A 52 -7.63 15.19 3.87
N TYR A 53 -6.69 15.22 2.94
CA TYR A 53 -5.32 14.89 3.29
C TYR A 53 -4.69 16.01 4.11
N ALA A 54 -4.96 17.26 3.78
CA ALA A 54 -4.31 18.38 4.46
C ALA A 54 -4.62 18.36 5.96
N ARG A 55 -5.83 17.95 6.33
CA ARG A 55 -6.19 17.99 7.73
C ARG A 55 -5.57 16.85 8.54
N ARG A 56 -4.86 15.95 7.86
CA ARG A 56 -4.17 14.85 8.52
C ARG A 56 -2.65 15.00 8.51
N ALA A 57 -2.19 16.21 8.23
CA ALA A 57 -0.76 16.47 8.10
C ALA A 57 0.01 16.44 9.43
N GLU A 58 -0.67 16.25 10.55
CA GLU A 58 0.07 16.00 11.79
C GLU A 58 0.68 14.60 11.81
N ALA A 59 0.27 13.70 10.90
CA ALA A 59 0.91 12.40 10.78
C ALA A 59 2.37 12.62 10.40
N GLY A 60 3.25 11.79 10.93
CA GLY A 60 4.62 11.80 10.49
C GLY A 60 4.77 11.61 8.98
N LEU A 61 3.94 10.75 8.41
CA LEU A 61 3.94 10.51 6.98
C LEU A 61 2.54 10.04 6.61
N ILE A 62 1.97 10.62 5.54
CA ILE A 62 0.75 10.09 4.95
C ILE A 62 1.13 9.17 3.81
N ILE A 63 0.53 7.99 3.73
CA ILE A 63 0.53 7.19 2.53
CA ILE A 63 0.55 7.22 2.52
C ILE A 63 -0.80 7.41 1.84
N SER A 64 -0.77 7.90 0.61
CA SER A 64 -2.02 8.13 -0.09
C SER A 64 -2.77 6.84 -0.34
N GLU A 65 -4.06 7.00 -0.64
CA GLU A 65 -4.86 5.96 -1.25
CA GLU A 65 -4.82 5.91 -1.20
C GLU A 65 -4.12 5.36 -2.45
N ALA A 66 -4.39 4.10 -2.72
CA ALA A 66 -3.83 3.44 -3.89
C ALA A 66 -4.18 4.25 -5.14
N THR A 67 -3.19 4.50 -5.99
CA THR A 67 -3.31 5.41 -7.13
C THR A 67 -2.83 4.65 -8.37
N ILE A 68 -3.72 4.54 -9.37
CA ILE A 68 -3.43 3.67 -10.51
C ILE A 68 -2.37 4.24 -11.44
N ILE A 69 -1.58 3.33 -12.00
CA ILE A 69 -0.48 3.69 -12.88
C ILE A 69 -0.87 3.85 -14.35
N ARG A 70 -2.03 3.30 -14.75
CA ARG A 70 -2.51 3.39 -16.13
C ARG A 70 -3.95 2.87 -16.14
N PRO A 71 -4.68 3.06 -17.24
CA PRO A 71 -6.12 2.73 -17.21
C PRO A 71 -6.48 1.29 -16.87
N ASP A 72 -5.75 0.28 -17.39
CA ASP A 72 -6.13 -1.12 -17.15
C ASP A 72 -5.79 -1.62 -15.74
N ALA A 73 -5.34 -0.71 -14.89
CA ALA A 73 -5.16 -0.95 -13.48
C ALA A 73 -6.44 -0.74 -12.69
N GLN A 74 -7.47 -0.14 -13.27
CA GLN A 74 -8.63 0.25 -12.48
C GLN A 74 -9.57 -0.90 -12.17
N GLY A 75 -9.89 -1.06 -10.87
CA GLY A 75 -10.81 -2.08 -10.42
C GLY A 75 -11.97 -1.58 -9.56
N TYR A 76 -11.97 -0.29 -9.23
CA TYR A 76 -12.99 0.30 -8.35
C TYR A 76 -13.30 1.66 -8.89
N PRO A 77 -14.50 2.18 -8.58
CA PRO A 77 -14.85 3.48 -9.15
C PRO A 77 -14.04 4.62 -8.56
N ASN A 78 -13.70 5.62 -9.38
CA ASN A 78 -13.24 6.91 -8.88
C ASN A 78 -11.95 6.80 -8.11
N THR A 79 -11.10 5.85 -8.46
CA THR A 79 -9.78 5.75 -7.84
C THR A 79 -8.80 6.60 -8.63
N PRO A 80 -8.09 7.51 -7.98
CA PRO A 80 -7.24 8.43 -8.72
C PRO A 80 -6.11 7.72 -9.46
N GLY A 81 -5.64 8.38 -10.52
CA GLY A 81 -4.48 7.99 -11.27
C GLY A 81 -3.33 8.97 -11.13
N ILE A 82 -2.18 8.59 -11.68
CA ILE A 82 -1.08 9.52 -11.82
CA ILE A 82 -1.03 9.45 -11.75
C ILE A 82 -0.31 9.27 -13.11
N PHE A 83 -1.09 9.12 -14.18
CA PHE A 83 -0.55 8.93 -15.50
C PHE A 83 -0.88 10.06 -16.49
N THR A 84 -1.77 11.00 -16.16
CA THR A 84 -2.02 12.14 -17.04
C THR A 84 -1.51 13.42 -16.41
N GLN A 85 -1.34 14.44 -17.24
CA GLN A 85 -0.91 15.74 -16.74
C GLN A 85 -1.95 16.33 -15.77
N ALA A 86 -3.23 16.16 -16.07
CA ALA A 86 -4.26 16.69 -15.18
C ALA A 86 -4.20 16.00 -13.83
N GLN A 87 -3.94 14.69 -13.82
CA GLN A 87 -3.80 13.98 -12.56
C GLN A 87 -2.61 14.49 -11.76
N ILE A 88 -1.49 14.72 -12.44
CA ILE A 88 -0.30 15.27 -11.79
C ILE A 88 -0.64 16.61 -11.14
N ALA A 89 -1.36 17.47 -11.87
CA ALA A 89 -1.70 18.78 -11.34
C ALA A 89 -2.62 18.66 -10.12
N GLY A 90 -3.57 17.75 -10.15
CA GLY A 90 -4.45 17.53 -9.02
C GLY A 90 -3.67 17.07 -7.80
N TRP A 91 -2.79 16.09 -8.00
CA TRP A 91 -1.95 15.64 -6.89
C TRP A 91 -1.04 16.73 -6.38
N ARG A 92 -0.57 17.63 -7.24
CA ARG A 92 0.30 18.70 -6.77
CA ARG A 92 0.28 18.74 -6.81
C ARG A 92 -0.47 19.60 -5.80
N LYS A 93 -1.77 19.78 -6.01
CA LYS A 93 -2.54 20.54 -5.01
C LYS A 93 -2.56 19.81 -3.67
N VAL A 94 -2.69 18.50 -3.69
CA VAL A 94 -2.69 17.70 -2.47
C VAL A 94 -1.34 17.84 -1.75
N THR A 95 -0.25 17.58 -2.47
CA THR A 95 1.03 17.57 -1.80
C THR A 95 1.44 18.96 -1.34
N ASP A 96 1.11 20.00 -2.13
CA ASP A 96 1.41 21.35 -1.67
C ASP A 96 0.66 21.64 -0.37
N ALA A 97 -0.60 21.22 -0.26
CA ALA A 97 -1.39 21.50 0.93
C ALA A 97 -0.87 20.73 2.15
N VAL A 98 -0.49 19.47 1.96
CA VAL A 98 0.10 18.70 3.04
C VAL A 98 1.41 19.34 3.51
N HIS A 99 2.28 19.70 2.58
CA HIS A 99 3.55 20.32 2.92
C HIS A 99 3.34 21.66 3.62
N ALA A 100 2.41 22.47 3.14
CA ALA A 100 2.14 23.77 3.74
C ALA A 100 1.65 23.60 5.18
N ASN A 101 1.02 22.45 5.49
CA ASN A 101 0.56 22.14 6.83
C ASN A 101 1.60 21.44 7.68
N GLY A 102 2.83 21.34 7.19
CA GLY A 102 3.91 20.73 7.93
C GLY A 102 3.96 19.21 7.87
N GLY A 103 3.32 18.63 6.86
CA GLY A 103 3.31 17.19 6.70
C GLY A 103 4.23 16.67 5.61
N LYS A 104 4.23 15.35 5.45
CA LYS A 104 4.91 14.65 4.38
C LYS A 104 3.95 13.62 3.80
N ILE A 105 4.14 13.28 2.52
CA ILE A 105 3.22 12.35 1.89
C ILE A 105 3.93 11.53 0.80
N PHE A 106 3.68 10.22 0.80
CA PHE A 106 4.05 9.32 -0.29
C PHE A 106 2.78 8.92 -1.02
N VAL A 107 2.88 8.76 -2.34
CA VAL A 107 1.80 8.15 -3.11
C VAL A 107 1.92 6.64 -3.01
N GLN A 108 0.82 5.91 -3.04
CA GLN A 108 0.87 4.46 -3.18
C GLN A 108 0.58 4.10 -4.63
N LEU A 109 1.53 3.47 -5.34
CA LEU A 109 1.35 3.16 -6.76
C LEU A 109 0.74 1.79 -6.98
N TRP A 110 -0.33 1.75 -7.77
CA TRP A 110 -1.22 0.59 -7.85
C TRP A 110 -1.40 0.07 -9.27
N HIS A 111 -1.36 -1.25 -9.38
CA HIS A 111 -1.99 -1.95 -10.49
C HIS A 111 -2.76 -3.11 -9.87
N THR A 112 -4.04 -3.26 -10.20
CA THR A 112 -4.87 -4.28 -9.57
C THR A 112 -4.74 -5.67 -10.22
N GLY A 113 -4.09 -5.79 -11.38
CA GLY A 113 -3.93 -7.10 -12.00
C GLY A 113 -5.27 -7.77 -12.23
N ARG A 114 -5.42 -9.01 -11.77
CA ARG A 114 -6.65 -9.77 -12.01
C ARG A 114 -7.88 -9.20 -11.30
N VAL A 115 -7.69 -8.20 -10.43
CA VAL A 115 -8.78 -7.59 -9.69
C VAL A 115 -9.27 -6.32 -10.42
N ALA A 116 -8.70 -6.02 -11.58
CA ALA A 116 -9.22 -4.93 -12.40
C ALA A 116 -10.58 -5.34 -12.98
N HIS A 117 -11.30 -4.37 -13.52
CA HIS A 117 -12.55 -4.70 -14.18
C HIS A 117 -12.71 -3.89 -15.46
N PRO A 118 -12.98 -4.56 -16.60
CA PRO A 118 -13.04 -3.89 -17.91
CA PRO A 118 -12.96 -3.82 -17.87
C PRO A 118 -14.07 -2.78 -18.02
N HIS A 119 -15.11 -2.81 -17.18
CA HIS A 119 -16.06 -1.71 -17.14
C HIS A 119 -15.38 -0.36 -17.03
N PHE A 120 -14.28 -0.29 -16.29
CA PHE A 120 -13.60 0.97 -16.04
C PHE A 120 -12.67 1.44 -17.15
N PHE A 121 -12.34 0.57 -18.10
CA PHE A 121 -11.37 0.93 -19.13
C PHE A 121 -11.77 0.40 -20.51
N GLY A 122 -13.03 0.62 -20.83
CA GLY A 122 -13.49 0.44 -22.20
C GLY A 122 -13.49 -0.99 -22.72
N GLY A 123 -13.60 -1.96 -21.82
CA GLY A 123 -13.72 -3.34 -22.24
C GLY A 123 -12.40 -4.01 -22.57
N GLY A 124 -11.29 -3.41 -22.16
CA GLY A 124 -9.97 -3.99 -22.36
C GLY A 124 -9.68 -5.28 -21.61
N ASP A 125 -8.49 -5.85 -21.84
CA ASP A 125 -8.09 -7.08 -21.18
C ASP A 125 -7.67 -6.80 -19.74
N VAL A 126 -8.12 -7.65 -18.83
CA VAL A 126 -7.57 -7.69 -17.50
C VAL A 126 -6.28 -8.51 -17.56
N LEU A 127 -5.23 -8.02 -16.91
CA LEU A 127 -3.90 -8.62 -16.98
C LEU A 127 -3.48 -9.21 -15.65
N ALA A 128 -2.77 -10.33 -15.67
CA ALA A 128 -2.31 -10.97 -14.43
C ALA A 128 -1.19 -11.94 -14.79
N PRO A 129 -0.51 -12.49 -13.79
CA PRO A 129 0.54 -13.47 -14.14
C PRO A 129 -0.04 -14.67 -14.89
N SER A 130 -1.23 -15.11 -14.51
CA SER A 130 -1.83 -16.32 -15.05
C SER A 130 -3.34 -16.12 -15.22
N ALA A 131 -3.93 -16.96 -16.07
CA ALA A 131 -5.35 -16.88 -16.38
C ALA A 131 -6.16 -17.56 -15.27
N GLN A 132 -6.09 -16.98 -14.09
CA GLN A 132 -6.75 -17.50 -12.90
C GLN A 132 -7.68 -16.42 -12.36
N LYS A 133 -8.97 -16.62 -12.57
CA LYS A 133 -9.98 -15.63 -12.19
C LYS A 133 -10.23 -15.67 -10.70
N ILE A 134 -10.51 -14.52 -10.11
CA ILE A 134 -10.99 -14.51 -8.72
C ILE A 134 -12.51 -14.69 -8.70
N GLU A 135 -13.02 -15.05 -7.55
CA GLU A 135 -14.44 -15.24 -7.36
C GLU A 135 -15.15 -13.90 -7.25
N GLY A 136 -16.38 -13.85 -7.74
CA GLY A 136 -17.27 -12.78 -7.41
C GLY A 136 -17.33 -11.61 -8.37
N SER A 137 -17.59 -10.47 -7.77
CA SER A 137 -17.88 -9.24 -8.50
CA SER A 137 -17.92 -9.24 -8.47
C SER A 137 -17.36 -8.03 -7.71
N VAL A 138 -17.20 -6.92 -8.41
CA VAL A 138 -16.66 -5.72 -7.79
C VAL A 138 -17.57 -5.26 -6.67
N PRO A 139 -17.02 -5.01 -5.48
CA PRO A 139 -17.90 -4.54 -4.40
CA PRO A 139 -17.86 -4.54 -4.37
C PRO A 139 -18.51 -3.17 -4.67
N ARG A 140 -19.72 -2.99 -4.17
CA ARG A 140 -20.42 -1.70 -4.19
C ARG A 140 -20.70 -1.19 -5.60
N MET A 141 -20.75 -2.12 -6.54
CA MET A 141 -21.11 -1.81 -7.92
C MET A 141 -22.17 -2.81 -8.34
N ARG A 142 -22.98 -2.43 -9.32
N ARG A 142 -23.05 -2.41 -9.25
CA ARG A 142 -23.98 -3.29 -9.88
CA ARG A 142 -23.99 -3.37 -9.82
C ARG A 142 -23.39 -4.32 -10.85
C ARG A 142 -23.16 -4.46 -10.45
N GLU A 143 -23.34 -5.57 -10.41
N GLU A 143 -23.78 -5.60 -10.69
CA GLU A 143 -23.10 -6.73 -11.27
CA GLU A 143 -23.15 -6.76 -11.31
C GLU A 143 -21.92 -6.65 -12.23
C GLU A 143 -21.96 -6.47 -12.25
N LEU A 144 -20.76 -6.35 -11.68
CA LEU A 144 -19.50 -6.32 -12.45
C LEU A 144 -18.70 -7.56 -12.05
N THR A 145 -18.99 -8.66 -12.72
CA THR A 145 -18.36 -9.93 -12.38
CA THR A 145 -18.39 -9.95 -12.42
C THR A 145 -16.91 -9.95 -12.83
N TYR A 146 -16.04 -10.44 -11.97
CA TYR A 146 -14.63 -10.56 -12.31
C TYR A 146 -14.46 -11.50 -13.48
N VAL A 147 -13.43 -11.24 -14.29
CA VAL A 147 -13.23 -11.99 -15.52
C VAL A 147 -11.93 -12.74 -15.46
N THR A 148 -11.81 -13.73 -16.33
CA THR A 148 -10.55 -14.45 -16.43
C THR A 148 -9.51 -13.53 -17.06
N PRO A 149 -8.39 -13.34 -16.37
CA PRO A 149 -7.37 -12.46 -16.93
C PRO A 149 -6.63 -13.10 -18.09
N LYS A 150 -6.02 -12.25 -18.91
CA LYS A 150 -4.99 -12.68 -19.85
C LYS A 150 -3.66 -12.81 -19.09
N ALA A 151 -2.99 -13.97 -19.22
CA ALA A 151 -1.66 -14.13 -18.69
C ALA A 151 -0.72 -13.19 -19.45
N VAL A 152 -0.07 -12.30 -18.72
CA VAL A 152 0.78 -11.31 -19.38
C VAL A 152 1.92 -11.99 -20.15
N THR A 153 2.28 -11.39 -21.28
CA THR A 153 3.49 -11.80 -21.97
C THR A 153 4.68 -11.07 -21.37
N VAL A 154 5.88 -11.50 -21.72
CA VAL A 154 7.09 -10.82 -21.28
CA VAL A 154 7.04 -10.81 -21.22
C VAL A 154 7.09 -9.38 -21.77
N GLU A 155 6.55 -9.12 -22.96
CA GLU A 155 6.45 -7.75 -23.47
C GLU A 155 5.46 -6.93 -22.66
N ASP A 156 4.32 -7.53 -22.27
CA ASP A 156 3.41 -6.86 -21.35
C ASP A 156 4.14 -6.48 -20.05
N ILE A 157 4.92 -7.41 -19.52
CA ILE A 157 5.66 -7.19 -18.28
C ILE A 157 6.61 -6.01 -18.43
N GLN A 158 7.36 -5.96 -19.53
CA GLN A 158 8.26 -4.85 -19.76
C GLN A 158 7.51 -3.53 -19.78
N GLY A 159 6.35 -3.50 -20.42
CA GLY A 159 5.52 -2.28 -20.45
C GLY A 159 4.99 -1.89 -19.09
N LEU A 160 4.66 -2.87 -18.27
CA LEU A 160 4.20 -2.61 -16.90
C LEU A 160 5.33 -2.02 -16.04
N VAL A 161 6.52 -2.57 -16.16
CA VAL A 161 7.67 -2.02 -15.42
C VAL A 161 7.91 -0.57 -15.88
N ARG A 162 7.89 -0.35 -17.18
CA ARG A 162 8.02 1.00 -17.75
C ARG A 162 6.98 1.93 -17.12
N ASP A 163 5.74 1.47 -17.03
CA ASP A 163 4.65 2.33 -16.58
C ASP A 163 4.70 2.57 -15.06
N TYR A 164 5.19 1.61 -14.28
CA TYR A 164 5.46 1.87 -12.86
C TYR A 164 6.53 2.95 -12.73
N ALA A 165 7.59 2.85 -13.53
CA ALA A 165 8.67 3.81 -13.46
C ALA A 165 8.22 5.20 -13.90
N LYS A 166 7.42 5.28 -14.97
CA LYS A 166 6.91 6.57 -15.45
C LYS A 166 5.99 7.18 -14.41
N ALA A 167 5.15 6.36 -13.78
CA ALA A 167 4.31 6.88 -12.70
C ALA A 167 5.15 7.44 -11.57
N ALA A 168 6.25 6.77 -11.22
CA ALA A 168 7.10 7.25 -10.15
C ALA A 168 7.72 8.61 -10.53
N GLU A 169 8.11 8.78 -11.78
CA GLU A 169 8.58 10.07 -12.28
CA GLU A 169 8.59 10.09 -12.24
C GLU A 169 7.51 11.15 -12.12
N ASN A 170 6.29 10.80 -12.47
CA ASN A 170 5.18 11.73 -12.37
C ASN A 170 4.88 12.12 -10.92
N VAL A 171 5.07 11.17 -10.01
CA VAL A 171 4.88 11.38 -8.60
C VAL A 171 5.81 12.47 -8.09
N ILE A 172 7.05 12.41 -8.53
CA ILE A 172 7.98 13.45 -8.15
C ILE A 172 7.58 14.80 -8.77
N GLU A 173 7.13 14.80 -10.02
CA GLU A 173 6.64 16.04 -10.61
C GLU A 173 5.43 16.64 -9.80
N ALA A 174 4.59 15.77 -9.27
CA ALA A 174 3.43 16.11 -8.45
C ALA A 174 3.80 16.52 -7.01
N GLY A 175 5.08 16.49 -6.68
CA GLY A 175 5.56 17.00 -5.41
C GLY A 175 5.48 16.06 -4.22
N PHE A 176 5.28 14.77 -4.47
CA PHE A 176 5.31 13.84 -3.36
C PHE A 176 6.73 13.70 -2.81
N ASP A 177 6.82 13.32 -1.53
CA ASP A 177 8.10 12.96 -0.93
C ASP A 177 8.62 11.61 -1.40
N GLY A 178 7.76 10.76 -1.92
CA GLY A 178 8.19 9.45 -2.36
C GLY A 178 7.00 8.61 -2.78
N VAL A 179 7.31 7.33 -3.01
CA VAL A 179 6.39 6.31 -3.49
CA VAL A 179 6.34 6.34 -3.44
C VAL A 179 6.39 5.12 -2.53
N GLU A 180 5.19 4.63 -2.18
CA GLU A 180 5.03 3.28 -1.64
C GLU A 180 4.52 2.41 -2.79
N ILE A 181 5.29 1.41 -3.16
CA ILE A 181 4.83 0.48 -4.18
C ILE A 181 3.80 -0.47 -3.58
N HIS A 182 2.62 -0.60 -4.20
CA HIS A 182 1.60 -1.49 -3.67
C HIS A 182 1.87 -2.93 -4.10
N GLY A 183 2.66 -3.62 -3.29
CA GLY A 183 2.99 -5.01 -3.48
C GLY A 183 2.17 -5.94 -2.64
N ALA A 184 1.04 -5.47 -2.14
CA ALA A 184 0.28 -6.17 -1.12
C ALA A 184 -1.14 -6.48 -1.56
N ASN A 185 -1.88 -7.10 -0.63
CA ASN A 185 -3.33 -7.22 -0.68
C ASN A 185 -3.89 -7.85 -1.94
N GLY A 186 -3.15 -8.76 -2.55
CA GLY A 186 -3.65 -9.48 -3.69
C GLY A 186 -3.63 -8.74 -5.01
N TYR A 187 -2.98 -7.59 -5.10
CA TYR A 187 -2.92 -6.85 -6.34
C TYR A 187 -1.74 -7.29 -7.22
N LEU A 188 -1.42 -6.57 -8.30
CA LEU A 188 -0.61 -7.19 -9.37
C LEU A 188 0.71 -7.76 -8.90
N ILE A 189 1.45 -6.97 -8.14
CA ILE A 189 2.77 -7.43 -7.71
C ILE A 189 2.62 -8.64 -6.77
N ASP A 190 1.69 -8.56 -5.83
CA ASP A 190 1.41 -9.68 -4.94
C ASP A 190 0.99 -10.91 -5.73
N GLN A 191 0.30 -10.71 -6.85
CA GLN A 191 -0.12 -11.84 -7.67
C GLN A 191 1.06 -12.65 -8.21
N PHE A 192 2.18 -12.00 -8.48
CA PHE A 192 3.37 -12.73 -8.90
C PHE A 192 4.01 -13.52 -7.74
N LEU A 193 3.82 -13.06 -6.51
CA LEU A 193 4.49 -13.62 -5.34
C LEU A 193 3.80 -14.81 -4.70
N HIS A 194 2.59 -15.14 -5.17
CA HIS A 194 1.82 -16.21 -4.58
C HIS A 194 1.46 -17.26 -5.63
N HIS A 195 1.50 -18.52 -5.24
CA HIS A 195 1.18 -19.60 -6.14
C HIS A 195 -0.27 -19.65 -6.62
N ASP A 196 -1.22 -19.15 -5.83
CA ASP A 196 -2.61 -19.19 -6.29
C ASP A 196 -2.76 -18.48 -7.64
N SER A 197 -2.16 -17.31 -7.72
CA SER A 197 -2.29 -16.44 -8.86
C SER A 197 -1.17 -16.66 -9.88
N ASN A 198 -0.01 -17.13 -9.44
CA ASN A 198 1.13 -17.28 -10.36
C ASN A 198 1.40 -18.74 -10.64
N ARG A 199 0.90 -19.18 -11.80
CA ARG A 199 1.07 -20.55 -12.28
C ARG A 199 2.01 -20.56 -13.49
N ARG A 200 2.79 -19.50 -13.66
CA ARG A 200 3.67 -19.40 -14.80
C ARG A 200 4.80 -20.40 -14.75
N THR A 201 5.29 -20.73 -15.94
CA THR A 201 6.42 -21.65 -16.10
C THR A 201 7.60 -21.00 -16.84
N ASP A 202 7.58 -19.69 -17.03
CA ASP A 202 8.69 -18.97 -17.61
C ASP A 202 9.54 -18.35 -16.50
N GLU A 203 10.35 -17.34 -16.86
CA GLU A 203 11.28 -16.73 -15.93
C GLU A 203 10.57 -15.90 -14.83
N TYR A 204 9.24 -15.79 -14.90
CA TYR A 204 8.47 -15.11 -13.87
C TYR A 204 7.68 -16.05 -12.99
N GLY A 205 7.87 -17.36 -13.12
CA GLY A 205 7.16 -18.27 -12.26
C GLY A 205 7.95 -19.47 -11.82
N GLY A 206 7.42 -20.21 -10.86
N GLY A 206 7.37 -20.19 -10.86
CA GLY A 206 7.89 -21.55 -10.58
CA GLY A 206 7.85 -21.47 -10.40
C GLY A 206 9.02 -21.71 -9.58
C GLY A 206 8.68 -21.39 -9.14
N THR A 207 9.76 -20.65 -9.27
N THR A 207 9.82 -20.74 -9.28
CA THR A 207 10.81 -20.71 -8.25
C THR A 207 10.74 -19.41 -7.45
N PRO A 208 11.29 -19.38 -6.23
CA PRO A 208 11.28 -18.11 -5.49
C PRO A 208 11.97 -16.95 -6.24
N VAL A 209 13.11 -17.20 -6.87
CA VAL A 209 13.77 -16.16 -7.63
CA VAL A 209 13.79 -16.18 -7.66
C VAL A 209 12.89 -15.67 -8.78
N ASN A 210 12.24 -16.58 -9.48
CA ASN A 210 11.42 -16.17 -10.61
C ASN A 210 10.16 -15.45 -10.18
N MET A 211 9.53 -15.93 -9.12
CA MET A 211 8.30 -15.31 -8.63
C MET A 211 8.56 -13.93 -8.05
N SER A 212 9.76 -13.72 -7.53
CA SER A 212 10.17 -12.40 -7.01
C SER A 212 10.63 -11.44 -8.11
N ARG A 213 10.89 -11.93 -9.32
CA ARG A 213 11.51 -11.14 -10.36
C ARG A 213 10.72 -9.89 -10.67
N PHE A 214 9.41 -9.99 -10.88
CA PHE A 214 8.63 -8.81 -11.24
C PHE A 214 8.71 -7.73 -10.14
N ALA A 215 8.50 -8.13 -8.88
CA ALA A 215 8.58 -7.18 -7.78
C ALA A 215 9.92 -6.46 -7.78
N LEU A 216 11.01 -7.22 -7.94
CA LEU A 216 12.32 -6.62 -7.88
C LEU A 216 12.59 -5.74 -9.11
N GLU A 217 12.08 -6.12 -10.28
CA GLU A 217 12.23 -5.27 -11.46
CA GLU A 217 12.21 -5.28 -11.47
C GLU A 217 11.50 -3.95 -11.27
N VAL A 218 10.31 -3.98 -10.69
CA VAL A 218 9.55 -2.74 -10.42
C VAL A 218 10.30 -1.88 -9.39
N VAL A 219 10.72 -2.47 -8.28
CA VAL A 219 11.48 -1.75 -7.28
C VAL A 219 12.71 -1.11 -7.91
N ASP A 220 13.47 -1.89 -8.67
CA ASP A 220 14.72 -1.39 -9.22
C ASP A 220 14.47 -0.30 -10.25
N ALA A 221 13.43 -0.42 -11.07
CA ALA A 221 13.14 0.60 -12.05
C ALA A 221 12.73 1.91 -11.38
N ILE A 222 11.98 1.81 -10.29
CA ILE A 222 11.56 3.00 -9.56
C ILE A 222 12.76 3.65 -8.86
N ILE A 223 13.60 2.86 -8.22
CA ILE A 223 14.80 3.39 -7.60
C ILE A 223 15.65 4.13 -8.62
N ALA A 224 15.79 3.58 -9.82
CA ALA A 224 16.57 4.21 -10.87
C ALA A 224 15.95 5.58 -11.29
N ARG A 225 14.64 5.74 -11.14
CA ARG A 225 13.95 6.99 -11.50
C ARG A 225 13.98 8.03 -10.40
N ILE A 226 13.79 7.62 -9.14
CA ILE A 226 13.55 8.57 -8.06
C ILE A 226 14.44 8.37 -6.81
N GLY A 227 15.17 7.28 -6.74
CA GLY A 227 16.07 7.05 -5.62
C GLY A 227 15.50 6.17 -4.51
N HIS A 228 16.37 5.37 -3.90
CA HIS A 228 15.99 4.43 -2.86
C HIS A 228 15.41 5.09 -1.61
N ASP A 229 15.85 6.31 -1.29
CA ASP A 229 15.37 6.97 -0.08
C ASP A 229 13.90 7.39 -0.20
N ARG A 230 13.39 7.43 -1.44
CA ARG A 230 12.03 7.87 -1.74
C ARG A 230 11.16 6.67 -2.16
N THR A 231 11.62 5.45 -1.92
CA THR A 231 10.93 4.27 -2.38
C THR A 231 10.67 3.32 -1.22
N GLY A 232 9.40 3.03 -0.94
CA GLY A 232 9.00 2.01 0.01
C GLY A 232 8.15 0.96 -0.69
N LEU A 233 7.87 -0.14 0.02
CA LEU A 233 7.15 -1.27 -0.57
C LEU A 233 6.22 -1.87 0.47
N ARG A 234 4.95 -2.05 0.10
CA ARG A 234 4.01 -2.78 0.93
C ARG A 234 3.90 -4.22 0.43
N ILE A 235 3.92 -5.18 1.36
CA ILE A 235 3.85 -6.61 1.03
C ILE A 235 2.85 -7.33 1.92
N SER A 236 2.31 -8.43 1.42
CA SER A 236 1.39 -9.30 2.14
C SER A 236 1.87 -10.74 2.05
N PRO A 237 2.81 -11.12 2.92
CA PRO A 237 3.31 -12.51 2.88
C PRO A 237 2.20 -13.51 3.18
N GLY A 238 1.23 -13.11 4.00
CA GLY A 238 0.07 -13.94 4.29
C GLY A 238 -1.07 -13.65 3.35
N ALA A 239 -1.60 -14.68 2.72
CA ALA A 239 -2.73 -14.53 1.80
C ALA A 239 -4.01 -14.30 2.59
N TYR A 240 -4.77 -13.29 2.21
CA TYR A 240 -6.03 -13.04 2.90
C TYR A 240 -7.06 -12.26 2.10
N PHE A 241 -6.70 -11.53 1.03
N PHE A 241 -6.59 -11.48 1.15
CA PHE A 241 -7.67 -10.75 0.21
CA PHE A 241 -7.38 -10.49 0.51
C PHE A 241 -7.53 -11.10 -1.28
C PHE A 241 -7.12 -10.78 -0.94
N ASN A 242 -8.58 -11.64 -1.88
N ASN A 242 -8.14 -11.28 -1.62
CA ASN A 242 -8.57 -12.10 -3.27
CA ASN A 242 -8.04 -11.56 -3.04
C ASN A 242 -7.35 -12.98 -3.54
C ASN A 242 -7.07 -12.71 -3.38
N MET A 243 -6.95 -13.75 -2.54
CA MET A 243 -5.80 -14.64 -2.66
C MET A 243 -5.98 -15.87 -1.82
N ALA A 244 -5.92 -17.04 -2.45
CA ALA A 244 -5.94 -18.29 -1.72
C ALA A 244 -4.57 -18.57 -1.19
N SER A 245 -4.50 -19.24 -0.06
CA SER A 245 -3.21 -19.57 0.51
CA SER A 245 -3.20 -19.56 0.51
C SER A 245 -2.56 -20.77 -0.17
N ASP A 246 -1.26 -20.85 -0.01
CA ASP A 246 -0.49 -21.97 -0.56
C ASP A 246 0.71 -22.11 0.36
N SER A 247 0.97 -23.34 0.83
CA SER A 247 2.04 -23.56 1.78
C SER A 247 3.44 -23.24 1.21
N ARG A 248 3.57 -23.13 -0.11
CA ARG A 248 4.85 -22.86 -0.75
C ARG A 248 5.18 -21.36 -0.83
N ASP A 249 4.24 -20.51 -0.48
CA ASP A 249 4.47 -19.08 -0.65
C ASP A 249 5.55 -18.56 0.31
N ARG A 250 5.67 -19.15 1.49
CA ARG A 250 6.62 -18.69 2.48
CA ARG A 250 6.62 -18.63 2.45
C ARG A 250 8.04 -18.60 1.89
N VAL A 251 8.45 -19.64 1.17
CA VAL A 251 9.82 -19.62 0.68
C VAL A 251 10.03 -18.55 -0.40
N VAL A 252 8.98 -18.09 -1.07
CA VAL A 252 9.12 -16.95 -1.97
C VAL A 252 9.55 -15.72 -1.16
N PHE A 253 8.86 -15.47 -0.08
CA PHE A 253 9.17 -14.33 0.78
C PHE A 253 10.50 -14.49 1.50
N ASP A 254 10.90 -15.72 1.80
CA ASP A 254 12.20 -15.93 2.42
C ASP A 254 13.32 -15.47 1.49
N TYR A 255 13.11 -15.60 0.17
CA TYR A 255 14.04 -15.12 -0.83
C TYR A 255 13.91 -13.60 -1.04
N LEU A 256 12.67 -13.13 -1.18
CA LEU A 256 12.44 -11.75 -1.51
C LEU A 256 12.99 -10.78 -0.45
N LEU A 257 12.78 -11.09 0.82
CA LEU A 257 13.09 -10.12 1.86
C LEU A 257 14.58 -9.75 1.93
N PRO A 258 15.50 -10.75 1.92
CA PRO A 258 16.92 -10.37 1.88
C PRO A 258 17.27 -9.63 0.60
N GLU A 259 16.64 -9.95 -0.54
CA GLU A 259 16.88 -9.15 -1.74
C GLU A 259 16.43 -7.71 -1.56
N LEU A 260 15.28 -7.50 -0.92
CA LEU A 260 14.80 -6.14 -0.69
C LEU A 260 15.77 -5.39 0.20
N GLU A 261 16.35 -6.06 1.19
CA GLU A 261 17.26 -5.40 2.11
CA GLU A 261 17.28 -5.43 2.10
C GLU A 261 18.45 -4.79 1.33
N LYS A 262 18.87 -5.44 0.24
CA LYS A 262 19.99 -4.94 -0.57
C LYS A 262 19.69 -3.58 -1.20
N ARG A 263 18.41 -3.27 -1.39
CA ARG A 263 18.01 -2.02 -2.01
C ARG A 263 17.89 -0.86 -1.03
N ASP A 264 18.01 -1.11 0.27
CA ASP A 264 18.02 -0.05 1.28
C ASP A 264 16.84 0.92 1.09
N LEU A 265 15.65 0.33 1.06
CA LEU A 265 14.42 1.07 0.84
C LEU A 265 14.12 2.02 2.01
N ALA A 266 13.27 3.01 1.75
CA ALA A 266 12.78 3.86 2.83
C ALA A 266 12.10 3.05 3.94
N PHE A 267 11.28 2.08 3.52
CA PHE A 267 10.62 1.19 4.46
C PHE A 267 10.01 0.03 3.69
N VAL A 268 9.76 -1.04 4.45
CA VAL A 268 8.83 -2.11 4.06
C VAL A 268 7.64 -1.97 5.00
N HIS A 269 6.44 -2.17 4.46
CA HIS A 269 5.17 -2.00 5.17
C HIS A 269 4.37 -3.28 4.97
N ILE A 270 3.82 -3.79 6.06
CA ILE A 270 2.95 -4.96 6.00
C ILE A 270 1.55 -4.54 5.54
N GLY A 271 0.94 -5.36 4.69
CA GLY A 271 -0.48 -5.21 4.35
C GLY A 271 -1.29 -6.34 4.96
N ILE A 272 -2.06 -5.97 5.99
CA ILE A 272 -2.93 -6.88 6.76
C ILE A 272 -3.98 -6.01 7.45
N PHE A 273 -5.11 -6.58 7.86
CA PHE A 273 -6.14 -5.84 8.59
C PHE A 273 -6.08 -6.02 10.10
N ASP A 274 -5.66 -7.18 10.56
CA ASP A 274 -5.53 -7.44 12.00
C ASP A 274 -4.23 -8.21 12.21
N ASP A 275 -3.19 -7.49 12.58
CA ASP A 275 -1.89 -8.12 12.73
C ASP A 275 -1.78 -8.99 13.96
N SER A 276 -2.84 -9.06 14.76
CA SER A 276 -2.88 -9.99 15.88
C SER A 276 -3.12 -11.44 15.39
N ILE A 277 -3.51 -11.59 14.15
CA ILE A 277 -3.76 -12.90 13.55
C ILE A 277 -2.46 -13.60 13.25
N GLU A 278 -2.38 -14.87 13.66
CA GLU A 278 -1.26 -15.70 13.28
C GLU A 278 -1.55 -16.49 12.02
N PHE A 279 -0.56 -16.57 11.15
CA PHE A 279 -0.65 -17.35 9.93
C PHE A 279 0.14 -18.64 10.10
N ASP A 280 -0.54 -19.78 9.94
CA ASP A 280 0.12 -21.08 9.97
C ASP A 280 1.42 -21.11 9.15
N TYR A 281 1.33 -20.70 7.90
CA TYR A 281 2.44 -20.84 6.96
C TYR A 281 3.62 -19.90 7.29
N LEU A 282 3.40 -18.88 8.11
CA LEU A 282 4.46 -17.90 8.44
C LEU A 282 5.01 -18.11 9.84
N GLY A 283 4.47 -19.08 10.57
CA GLY A 283 4.91 -19.33 11.92
C GLY A 283 4.51 -18.27 12.93
N GLY A 284 3.50 -17.47 12.59
CA GLY A 284 3.03 -16.47 13.52
C GLY A 284 2.48 -15.29 12.77
N THR A 285 2.54 -14.10 13.37
CA THR A 285 1.96 -12.93 12.76
C THR A 285 2.77 -12.48 11.56
N ALA A 286 2.12 -11.75 10.65
CA ALA A 286 2.78 -11.25 9.47
C ALA A 286 3.97 -10.36 9.83
N SER A 287 3.79 -9.44 10.76
CA SER A 287 4.89 -8.55 11.11
C SER A 287 6.05 -9.31 11.74
N SER A 288 5.77 -10.30 12.60
CA SER A 288 6.88 -11.03 13.23
C SER A 288 7.63 -11.87 12.20
N TYR A 289 6.93 -12.42 11.21
CA TYR A 289 7.59 -13.11 10.12
C TYR A 289 8.54 -12.16 9.40
N VAL A 290 8.05 -11.00 9.01
CA VAL A 290 8.91 -10.06 8.29
C VAL A 290 10.08 -9.61 9.15
N ARG A 291 9.83 -9.30 10.41
CA ARG A 291 10.88 -8.84 11.31
C ARG A 291 11.98 -9.89 11.48
N ALA A 292 11.62 -11.16 11.37
CA ALA A 292 12.59 -12.26 11.45
C ALA A 292 13.42 -12.47 10.19
N HIS A 293 13.03 -11.84 9.08
CA HIS A 293 13.67 -12.05 7.79
C HIS A 293 14.13 -10.74 7.13
N TYR A 294 13.98 -9.62 7.81
CA TYR A 294 14.26 -8.31 7.22
C TYR A 294 14.70 -7.38 8.33
N GLY A 295 15.86 -6.73 8.16
CA GLY A 295 16.50 -6.02 9.24
C GLY A 295 16.48 -4.52 9.16
N LYS A 296 15.61 -3.95 8.33
CA LYS A 296 15.55 -2.50 8.16
C LYS A 296 14.16 -1.98 8.52
N THR A 297 13.93 -0.68 8.38
CA THR A 297 12.70 -0.06 8.86
C THR A 297 11.46 -0.79 8.39
N LEU A 298 10.59 -1.12 9.36
CA LEU A 298 9.36 -1.85 9.13
C LEU A 298 8.19 -1.05 9.68
N VAL A 299 7.16 -0.89 8.84
CA VAL A 299 5.89 -0.30 9.23
C VAL A 299 4.90 -1.42 9.55
N GLY A 300 4.43 -1.46 10.80
CA GLY A 300 3.34 -2.32 11.21
C GLY A 300 2.00 -1.65 11.00
N VAL A 301 0.97 -2.49 10.98
CA VAL A 301 -0.40 -2.02 10.73
C VAL A 301 -1.35 -3.13 11.09
N GLY A 302 -2.60 -2.76 11.37
CA GLY A 302 -3.67 -3.72 11.41
C GLY A 302 -4.24 -3.94 12.80
N SER A 303 -5.26 -3.13 13.12
CA SER A 303 -6.04 -3.25 14.34
C SER A 303 -5.22 -2.89 15.57
N TYR A 304 -4.20 -2.07 15.44
CA TYR A 304 -3.47 -1.54 16.59
C TYR A 304 -4.16 -0.31 17.14
N SER A 305 -4.22 -0.21 18.46
CA SER A 305 -4.51 1.07 19.09
C SER A 305 -3.20 1.83 19.25
N ALA A 306 -3.28 3.11 19.62
CA ALA A 306 -2.05 3.84 19.93
C ALA A 306 -1.29 3.06 21.00
N GLU A 307 -2.01 2.51 21.99
CA GLU A 307 -1.35 1.82 23.08
C GLU A 307 -0.69 0.52 22.65
N THR A 308 -1.36 -0.30 21.86
CA THR A 308 -0.74 -1.55 21.47
C THR A 308 0.38 -1.31 20.44
N ALA A 309 0.26 -0.30 19.59
CA ALA A 309 1.33 0.06 18.65
C ALA A 309 2.55 0.56 19.42
N SER A 310 2.34 1.40 20.42
CA SER A 310 3.44 1.92 21.21
C SER A 310 4.17 0.77 21.89
N LYS A 311 3.40 -0.18 22.43
CA LYS A 311 4.01 -1.33 23.09
C LYS A 311 4.79 -2.17 22.09
N ALA A 312 4.22 -2.44 20.91
CA ALA A 312 4.92 -3.23 19.90
C ALA A 312 6.25 -2.58 19.49
N ILE A 313 6.24 -1.27 19.28
CA ILE A 313 7.44 -0.55 18.90
C ILE A 313 8.48 -0.58 20.04
N ALA A 314 8.03 -0.42 21.29
CA ALA A 314 8.91 -0.53 22.44
C ALA A 314 9.57 -1.91 22.50
N GLU A 315 8.84 -2.94 22.09
CA GLU A 315 9.32 -4.33 22.07
C GLU A 315 10.08 -4.71 20.80
N ASP A 316 10.39 -3.72 19.96
CA ASP A 316 11.21 -3.93 18.77
C ASP A 316 10.52 -4.81 17.72
N LYS A 317 9.19 -4.83 17.70
CA LYS A 317 8.42 -5.62 16.74
CA LYS A 317 8.47 -5.64 16.73
C LYS A 317 8.41 -4.98 15.35
N PHE A 318 8.43 -3.65 15.32
CA PHE A 318 8.45 -2.84 14.10
C PHE A 318 8.78 -1.41 14.53
N ASP A 319 8.96 -0.51 13.58
CA ASP A 319 9.52 0.80 13.86
C ASP A 319 8.52 1.95 13.77
N LEU A 320 7.55 1.80 12.87
CA LEU A 320 6.57 2.86 12.57
C LEU A 320 5.21 2.19 12.59
N ILE A 321 4.18 2.96 12.92
CA ILE A 321 2.82 2.42 12.95
C ILE A 321 1.92 3.16 11.96
N ALA A 322 1.37 2.43 11.00
CA ALA A 322 0.33 2.96 10.14
C ALA A 322 -1.02 2.71 10.80
N ILE A 323 -1.87 3.73 10.70
CA ILE A 323 -3.20 3.73 11.28
C ILE A 323 -4.17 4.03 10.14
N GLY A 324 -5.17 3.17 9.98
CA GLY A 324 -6.11 3.26 8.88
C GLY A 324 -7.47 3.74 9.36
N ARG A 325 -8.32 2.79 9.69
CA ARG A 325 -9.68 3.09 10.07
C ARG A 325 -9.82 4.19 11.14
N PRO A 326 -8.98 4.19 12.19
CA PRO A 326 -9.10 5.29 13.15
C PRO A 326 -8.83 6.68 12.57
N PHE A 327 -8.04 6.79 11.50
CA PHE A 327 -7.80 8.06 10.82
C PHE A 327 -8.99 8.48 9.97
N ILE A 328 -9.87 7.54 9.60
CA ILE A 328 -11.11 7.91 8.93
C ILE A 328 -12.09 8.44 10.00
N ALA A 329 -12.21 7.73 11.11
CA ALA A 329 -13.11 8.11 12.19
C ALA A 329 -12.66 9.36 12.94
N ASN A 330 -11.37 9.65 12.91
CA ASN A 330 -10.80 10.76 13.69
C ASN A 330 -9.77 11.50 12.85
N PRO A 331 -10.20 12.53 12.13
CA PRO A 331 -9.22 13.29 11.34
C PRO A 331 -8.09 13.84 12.21
N ASP A 332 -8.43 14.11 13.46
CA ASP A 332 -7.50 14.70 14.43
C ASP A 332 -6.88 13.61 15.30
N TYR A 333 -6.78 12.39 14.74
CA TYR A 333 -6.21 11.26 15.45
C TYR A 333 -4.94 11.60 16.22
N VAL A 334 -3.98 12.24 15.56
CA VAL A 334 -2.69 12.46 16.20
C VAL A 334 -2.82 13.36 17.42
N ALA A 335 -3.57 14.44 17.28
CA ALA A 335 -3.75 15.38 18.38
C ALA A 335 -4.52 14.74 19.53
N LYS A 336 -5.51 13.91 19.22
CA LYS A 336 -6.28 13.25 20.26
CA LYS A 336 -6.28 13.26 20.28
C LYS A 336 -5.41 12.26 21.01
N VAL A 337 -4.57 11.52 20.29
CA VAL A 337 -3.66 10.60 20.92
C VAL A 337 -2.65 11.37 21.79
N ARG A 338 -2.11 12.46 21.26
CA ARG A 338 -1.14 13.26 22.00
C ARG A 338 -1.70 13.80 23.32
N ASN A 339 -2.99 14.13 23.31
CA ASN A 339 -3.66 14.75 24.44
C ASN A 339 -4.50 13.79 25.25
N SER A 340 -4.40 12.49 24.98
CA SER A 340 -5.15 11.48 25.72
C SER A 340 -6.67 11.72 25.69
N GLU A 341 -7.18 12.11 24.52
CA GLU A 341 -8.62 12.36 24.36
C GLU A 341 -9.34 11.16 23.74
N GLU A 342 -10.65 11.08 24.00
CA GLU A 342 -11.42 9.94 23.53
C GLU A 342 -11.48 9.92 22.01
N LEU A 343 -11.28 8.73 21.43
CA LEU A 343 -11.37 8.47 20.00
C LEU A 343 -12.67 7.78 19.63
N VAL A 344 -13.23 8.15 18.49
CA VAL A 344 -14.41 7.51 17.96
C VAL A 344 -14.02 6.22 17.24
N ALA A 345 -14.76 5.14 17.50
CA ALA A 345 -14.56 3.90 16.79
C ALA A 345 -15.03 4.02 15.35
N TYR A 346 -14.29 3.40 14.45
CA TYR A 346 -14.67 3.35 13.05
C TYR A 346 -15.89 2.48 12.82
N SER A 347 -16.73 2.94 11.89
CA SER A 347 -17.78 2.12 11.32
CA SER A 347 -17.79 2.13 11.32
C SER A 347 -17.74 2.28 9.81
N ASP A 348 -18.04 1.21 9.08
CA ASP A 348 -18.02 1.23 7.62
C ASP A 348 -18.91 2.33 7.04
N GLU A 349 -19.92 2.73 7.78
CA GLU A 349 -20.82 3.76 7.29
CA GLU A 349 -20.82 3.76 7.30
C GLU A 349 -20.07 5.08 7.08
N MET A 350 -18.94 5.24 7.75
CA MET A 350 -18.15 6.47 7.61
C MET A 350 -17.55 6.64 6.20
N LEU A 351 -17.51 5.58 5.41
CA LEU A 351 -16.92 5.66 4.08
C LEU A 351 -17.74 6.52 3.14
N ALA A 352 -19.02 6.75 3.46
CA ALA A 352 -19.87 7.53 2.57
C ALA A 352 -19.46 8.99 2.57
N SER A 353 -18.70 9.39 3.58
CA SER A 353 -18.33 10.78 3.81
CA SER A 353 -18.33 10.78 3.82
C SER A 353 -16.82 10.98 3.71
N LEU A 354 -16.39 12.02 2.99
CA LEU A 354 -14.96 12.32 2.90
C LEU A 354 -14.65 13.49 3.79
N ILE A 355 -14.24 13.18 5.00
CA ILE A 355 -13.96 14.20 6.00
C ILE A 355 -12.65 13.83 6.67
#